data_5T5K
#
_entry.id   5T5K
#
_cell.length_a   99.454
_cell.length_b   99.454
_cell.length_c   171.730
_cell.angle_alpha   90.00
_cell.angle_beta   90.00
_cell.angle_gamma   120.00
#
_symmetry.space_group_name_H-M   'P 65'
#
loop_
_entity.id
_entity.type
_entity.pdbx_description
1 polymer 'DNA-binding protein HMf-2'
2 polymer 'DNA (90-MER)'
3 polymer 'DNA (90-MER)'
4 non-polymer 'CACODYLATE ION'
#
loop_
_entity_poly.entity_id
_entity_poly.type
_entity_poly.pdbx_seq_one_letter_code
_entity_poly.pdbx_strand_id
1 'polypeptide(L)' MELPIAPIGRIIKDAGAERVSDDARITLAKILEEMGRDIASEAIKLARHAGRKTIKAEDIELAVRRFKK A,B,C,D,E,F
2 'polydeoxyribonucleotide'
;(DT)(DA)(DT)(DG)(DA)(DA)(DC)(DC)(DG)(DT)(DA)(DC)(DT)(DG)(DT)(DC)(DG)(DT)(DC)(DT)
(DG)(DC)(DG)(DG)(DC)(DC)(DT)(DT)(DT)(DG)(DA)(DT)(DT)(DA)(DT)(DC)(DA)(DA)(DT)(DT)
(DA)(DA)(DA)(DG)(DC)(DG)(DT)(DT)(DC)(DT)(DA)(DC)(DG)(DG)(DC)(DG)(DT)(DT)(DT)(DT)
(DT)(DG)(DA)(DT)(DC)(DG)(DC)(DT)(DC)(DA)(DA)(DC)(DT)(DG)(DT)(DG)(DC)(DG)(DA)(DG)
(DC)(DT)(DA)(DG)(DA)(DT)(DC)(DT)(DC)(DA)
;
I
3 'polydeoxyribonucleotide'
;(DT)(DA)(DT)(DG)(DA)(DG)(DA)(DT)(DC)(DT)(DA)(DG)(DC)(DT)(DC)(DG)(DC)(DA)(DC)(DA)
(DG)(DT)(DT)(DG)(DA)(DG)(DC)(DG)(DA)(DT)(DC)(DA)(DA)(DA)(DA)(DA)(DC)(DG)(DC)(DC)
(DG)(DT)(DA)(DG)(DA)(DA)(DC)(DG)(DC)(DT)(DT)(DT)(DA)(DA)(DT)(DT)(DG)(DA)(DT)(DA)
(DA)(DT)(DC)(DA)(DA)(DA)(DG)(DG)(DC)(DC)(DG)(DC)(DA)(DG)(DA)(DC)(DG)(DA)(DC)(DA)
(DG)(DT)(DA)(DC)(DG)(DG)(DT)(DT)(DC)(DA)
;
J
#
loop_
_chem_comp.id
_chem_comp.type
_chem_comp.name
_chem_comp.formula
CAC non-polymer 'CACODYLATE ION' 'C2 H6 As O2 -1'
DA DNA linking 2'-DEOXYADENOSINE-5'-MONOPHOSPHATE 'C10 H14 N5 O6 P'
DC DNA linking 2'-DEOXYCYTIDINE-5'-MONOPHOSPHATE 'C9 H14 N3 O7 P'
DG DNA linking 2'-DEOXYGUANOSINE-5'-MONOPHOSPHATE 'C10 H14 N5 O7 P'
DT DNA linking THYMIDINE-5'-MONOPHOSPHATE 'C10 H15 N2 O8 P'
#
# COMPACT_ATOMS: atom_id res chain seq x y z
N MET A 1 -30.46 2.83 -2.77
CA MET A 1 -29.43 3.65 -3.40
C MET A 1 -29.40 5.04 -2.77
N GLU A 2 -28.71 5.16 -1.64
CA GLU A 2 -28.65 6.41 -0.89
C GLU A 2 -27.76 7.44 -1.58
N LEU A 3 -26.66 6.98 -2.18
CA LEU A 3 -25.70 7.87 -2.82
C LEU A 3 -26.23 8.38 -4.16
N PRO A 4 -26.03 9.67 -4.44
CA PRO A 4 -26.41 10.28 -5.71
C PRO A 4 -25.48 9.86 -6.84
N ILE A 5 -25.97 9.93 -8.07
CA ILE A 5 -25.21 9.47 -9.24
C ILE A 5 -24.29 10.55 -9.79
N ALA A 6 -24.80 11.78 -9.86
CA ALA A 6 -24.06 12.89 -10.45
C ALA A 6 -22.68 13.15 -9.85
N PRO A 7 -22.54 13.19 -8.50
CA PRO A 7 -21.19 13.44 -7.98
C PRO A 7 -20.19 12.34 -8.32
N ILE A 8 -20.67 11.10 -8.36
CA ILE A 8 -19.83 9.96 -8.70
C ILE A 8 -19.43 10.05 -10.18
N GLY A 9 -20.36 10.48 -11.01
CA GLY A 9 -20.08 10.74 -12.42
C GLY A 9 -19.00 11.81 -12.54
N ARG A 10 -19.06 12.80 -11.66
CA ARG A 10 -18.06 13.86 -11.63
C ARG A 10 -16.71 13.31 -11.19
N ILE A 11 -16.75 12.28 -10.34
CA ILE A 11 -15.52 11.61 -9.92
C ILE A 11 -14.86 10.88 -11.07
N ILE A 12 -15.65 10.08 -11.77
CA ILE A 12 -15.14 9.34 -12.93
C ILE A 12 -14.65 10.29 -14.03
N LYS A 13 -15.36 11.39 -14.22
CA LYS A 13 -14.96 12.40 -15.20
C LYS A 13 -13.66 13.08 -14.79
N ASP A 14 -13.52 13.40 -13.51
CA ASP A 14 -12.31 14.03 -12.99
C ASP A 14 -11.15 13.06 -12.97
N ALA A 15 -11.45 11.77 -13.09
CA ALA A 15 -10.41 10.74 -13.12
C ALA A 15 -9.72 10.71 -14.48
N GLY A 16 -10.41 11.17 -15.52
CA GLY A 16 -9.82 11.23 -16.84
C GLY A 16 -10.66 10.59 -17.93
N ALA A 17 -11.94 10.40 -17.65
CA ALA A 17 -12.85 9.74 -18.58
C ALA A 17 -13.50 10.73 -19.53
N GLU A 18 -13.33 10.49 -20.83
CA GLU A 18 -13.96 11.35 -21.84
C GLU A 18 -15.48 11.19 -21.81
N ARG A 19 -15.95 9.95 -21.86
CA ARG A 19 -17.37 9.67 -21.80
C ARG A 19 -17.66 8.55 -20.80
N VAL A 20 -18.76 8.68 -20.05
CA VAL A 20 -19.10 7.71 -19.03
C VAL A 20 -20.53 7.19 -19.19
N SER A 21 -20.66 5.87 -19.26
CA SER A 21 -21.98 5.26 -19.36
C SER A 21 -22.73 5.37 -18.04
N ASP A 22 -24.05 5.44 -18.11
CA ASP A 22 -24.87 5.52 -16.92
C ASP A 22 -24.77 4.25 -16.09
N ASP A 23 -24.65 3.12 -16.77
CA ASP A 23 -24.50 1.83 -16.10
C ASP A 23 -23.23 1.79 -15.24
N ALA A 24 -22.16 2.40 -15.73
CA ALA A 24 -20.91 2.49 -14.98
C ALA A 24 -21.09 3.34 -13.73
N ARG A 25 -21.82 4.44 -13.88
CA ARG A 25 -22.09 5.35 -12.76
C ARG A 25 -22.92 4.66 -11.68
N ILE A 26 -23.99 3.99 -12.08
CA ILE A 26 -24.85 3.29 -11.14
C ILE A 26 -24.10 2.14 -10.47
N THR A 27 -23.26 1.46 -11.25
CA THR A 27 -22.44 0.36 -10.73
C THR A 27 -21.49 0.85 -9.64
N LEU A 28 -20.74 1.90 -9.97
CA LEU A 28 -19.81 2.49 -9.01
C LEU A 28 -20.54 3.03 -7.79
N ALA A 29 -21.78 3.47 -8.01
CA ALA A 29 -22.63 3.96 -6.92
C ALA A 29 -22.95 2.83 -5.95
N LYS A 30 -23.41 1.70 -6.50
CA LYS A 30 -23.75 0.54 -5.69
C LYS A 30 -22.52 0.00 -4.97
N ILE A 31 -21.38 0.04 -5.64
CA ILE A 31 -20.14 -0.45 -5.06
C ILE A 31 -19.69 0.43 -3.89
N LEU A 32 -19.63 1.74 -4.12
CA LEU A 32 -19.25 2.67 -3.07
C LEU A 32 -20.20 2.64 -1.90
N GLU A 33 -21.49 2.48 -2.19
CA GLU A 33 -22.49 2.38 -1.14
C GLU A 33 -22.32 1.10 -0.33
N GLU A 34 -21.99 0.02 -1.02
CA GLU A 34 -21.74 -1.27 -0.37
C GLU A 34 -20.55 -1.17 0.58
N MET A 35 -19.44 -0.65 0.07
CA MET A 35 -18.25 -0.43 0.87
C MET A 35 -18.56 0.46 2.07
N GLY A 36 -19.36 1.49 1.83
CA GLY A 36 -19.78 2.40 2.89
C GLY A 36 -20.54 1.68 3.99
N ARG A 37 -21.47 0.81 3.60
CA ARG A 37 -22.25 0.04 4.57
C ARG A 37 -21.39 -0.92 5.37
N ASP A 38 -20.50 -1.63 4.69
CA ASP A 38 -19.63 -2.60 5.36
C ASP A 38 -18.70 -1.91 6.36
N ILE A 39 -18.02 -0.86 5.89
CA ILE A 39 -17.12 -0.09 6.75
C ILE A 39 -17.87 0.51 7.93
N ALA A 40 -19.08 1.01 7.67
CA ALA A 40 -19.91 1.56 8.73
C ALA A 40 -20.23 0.50 9.78
N SER A 41 -20.56 -0.71 9.31
CA SER A 41 -20.86 -1.82 10.21
C SER A 41 -19.67 -2.17 11.08
N GLU A 42 -18.49 -2.29 10.45
CA GLU A 42 -17.27 -2.59 11.19
C GLU A 42 -16.97 -1.52 12.24
N ALA A 43 -17.11 -0.26 11.84
CA ALA A 43 -16.88 0.87 12.73
C ALA A 43 -17.86 0.84 13.90
N ILE A 44 -19.08 0.41 13.62
CA ILE A 44 -20.09 0.26 14.65
C ILE A 44 -19.69 -0.81 15.66
N LYS A 45 -19.21 -1.95 15.16
CA LYS A 45 -18.74 -3.01 16.04
C LYS A 45 -17.55 -2.55 16.91
N LEU A 46 -16.65 -1.79 16.31
CA LEU A 46 -15.50 -1.26 17.04
C LEU A 46 -15.92 -0.27 18.13
N ALA A 47 -16.77 0.68 17.78
CA ALA A 47 -17.24 1.69 18.72
C ALA A 47 -18.06 1.06 19.84
N ARG A 48 -18.82 0.03 19.49
CA ARG A 48 -19.63 -0.68 20.46
C ARG A 48 -18.73 -1.48 21.40
N HIS A 49 -17.59 -1.92 20.87
CA HIS A 49 -16.58 -2.57 21.69
C HIS A 49 -15.86 -1.57 22.59
N ALA A 50 -15.83 -0.32 22.17
CA ALA A 50 -15.13 0.73 22.90
C ALA A 50 -16.00 1.39 23.96
N GLY A 51 -17.15 0.79 24.25
CA GLY A 51 -18.04 1.31 25.28
C GLY A 51 -18.77 2.57 24.89
N ARG A 52 -18.74 2.91 23.60
CA ARG A 52 -19.40 4.10 23.10
C ARG A 52 -20.58 3.73 22.21
N LYS A 53 -21.52 4.66 22.07
CA LYS A 53 -22.67 4.43 21.20
C LYS A 53 -22.59 5.31 19.95
N THR A 54 -21.82 6.39 20.04
CA THR A 54 -21.65 7.30 18.92
C THR A 54 -20.42 6.94 18.09
N ILE A 55 -20.59 6.94 16.77
CA ILE A 55 -19.49 6.61 15.87
C ILE A 55 -18.60 7.82 15.64
N LYS A 56 -17.35 7.76 16.11
CA LYS A 56 -16.41 8.86 15.94
C LYS A 56 -15.47 8.53 14.77
N ALA A 57 -14.66 9.51 14.35
CA ALA A 57 -13.78 9.32 13.20
C ALA A 57 -12.72 8.24 13.38
N GLU A 58 -12.25 8.04 14.61
CA GLU A 58 -11.27 6.99 14.91
C GLU A 58 -11.84 5.62 14.56
N ASP A 59 -13.10 5.41 14.86
CA ASP A 59 -13.74 4.13 14.58
C ASP A 59 -13.73 3.85 13.09
N ILE A 60 -14.00 4.87 12.29
CA ILE A 60 -13.99 4.75 10.84
C ILE A 60 -12.57 4.48 10.32
N GLU A 61 -11.62 5.30 10.77
CA GLU A 61 -10.23 5.19 10.33
C GLU A 61 -9.59 3.85 10.73
N LEU A 62 -10.06 3.27 11.82
CA LEU A 62 -9.58 1.98 12.28
C LEU A 62 -10.30 0.85 11.55
N ALA A 63 -11.57 1.07 11.22
CA ALA A 63 -12.37 0.07 10.53
C ALA A 63 -11.94 -0.09 9.08
N VAL A 64 -11.44 0.99 8.48
CA VAL A 64 -11.02 0.91 7.09
C VAL A 64 -9.69 0.19 6.98
N ARG A 65 -8.96 0.10 8.10
CA ARG A 65 -7.75 -0.69 8.11
C ARG A 65 -8.10 -2.15 8.47
N ARG A 66 -9.31 -2.56 8.10
CA ARG A 66 -9.70 -3.95 8.22
C ARG A 66 -10.49 -4.37 6.99
N PHE A 67 -10.71 -3.41 6.08
CA PHE A 67 -10.96 -3.69 4.67
C PHE A 67 -12.36 -4.27 4.48
N MET B 1 -14.11 17.59 -2.68
CA MET B 1 -15.08 16.78 -1.98
C MET B 1 -16.42 16.79 -2.71
N GLU B 2 -16.55 15.94 -3.72
CA GLU B 2 -17.75 15.89 -4.56
C GLU B 2 -18.94 15.25 -3.87
N LEU B 3 -18.68 14.22 -3.06
CA LEU B 3 -19.75 13.48 -2.39
C LEU B 3 -20.36 14.26 -1.23
N PRO B 4 -21.70 14.25 -1.13
CA PRO B 4 -22.44 14.88 -0.03
C PRO B 4 -22.31 14.11 1.28
N ILE B 5 -22.50 14.80 2.39
CA ILE B 5 -22.31 14.21 3.71
C ILE B 5 -23.57 13.49 4.21
N ALA B 6 -24.72 14.12 4.00
CA ALA B 6 -25.99 13.61 4.50
C ALA B 6 -26.33 12.17 4.09
N PRO B 7 -26.20 11.83 2.78
CA PRO B 7 -26.54 10.45 2.42
C PRO B 7 -25.64 9.41 3.08
N ILE B 8 -24.37 9.76 3.24
CA ILE B 8 -23.40 8.87 3.89
C ILE B 8 -23.73 8.73 5.38
N GLY B 9 -24.15 9.83 5.99
CA GLY B 9 -24.62 9.79 7.36
C GLY B 9 -25.82 8.88 7.49
N ARG B 10 -26.69 8.91 6.49
CA ARG B 10 -27.86 8.03 6.45
C ARG B 10 -27.44 6.58 6.27
N ILE B 11 -26.31 6.37 5.58
CA ILE B 11 -25.76 5.04 5.42
C ILE B 11 -25.27 4.48 6.76
N ILE B 12 -24.48 5.28 7.47
CA ILE B 12 -23.98 4.89 8.78
C ILE B 12 -25.12 4.65 9.75
N LYS B 13 -26.16 5.49 9.66
CA LYS B 13 -27.33 5.34 10.50
C LYS B 13 -28.09 4.05 10.17
N ASP B 14 -28.20 3.74 8.89
CA ASP B 14 -28.88 2.52 8.45
C ASP B 14 -28.05 1.28 8.76
N ALA B 15 -26.77 1.49 9.05
CA ALA B 15 -25.89 0.38 9.40
C ALA B 15 -26.16 -0.11 10.81
N GLY B 16 -26.71 0.77 11.64
CA GLY B 16 -27.08 0.41 13.01
C GLY B 16 -26.51 1.35 14.06
N ALA B 17 -26.11 2.55 13.63
CA ALA B 17 -25.51 3.52 14.54
C ALA B 17 -26.58 4.41 15.16
N GLU B 18 -26.64 4.42 16.49
CA GLU B 18 -27.57 5.29 17.20
C GLU B 18 -27.24 6.75 16.98
N ARG B 19 -25.97 7.10 17.18
CA ARG B 19 -25.51 8.47 16.98
C ARG B 19 -24.24 8.48 16.12
N VAL B 20 -24.14 9.45 15.23
CA VAL B 20 -23.00 9.53 14.33
C VAL B 20 -22.35 10.91 14.37
N SER B 21 -21.04 10.93 14.63
CA SER B 21 -20.28 12.17 14.64
C SER B 21 -20.07 12.72 13.23
N ASP B 22 -19.97 14.05 13.14
CA ASP B 22 -19.74 14.70 11.86
C ASP B 22 -18.36 14.34 11.31
N ASP B 23 -17.39 14.20 12.20
CA ASP B 23 -16.04 13.81 11.81
C ASP B 23 -16.03 12.44 11.14
N ALA B 24 -16.83 11.53 11.66
CA ALA B 24 -16.96 10.19 11.09
C ALA B 24 -17.58 10.26 9.70
N ARG B 25 -18.60 11.11 9.55
CA ARG B 25 -19.27 11.30 8.28
C ARG B 25 -18.33 11.86 7.21
N ILE B 26 -17.61 12.92 7.56
CA ILE B 26 -16.67 13.54 6.64
C ILE B 26 -15.52 12.60 6.30
N THR B 27 -15.07 11.84 7.30
CA THR B 27 -13.99 10.88 7.11
C THR B 27 -14.42 9.80 6.12
N LEU B 28 -15.58 9.20 6.36
CA LEU B 28 -16.11 8.17 5.46
C LEU B 28 -16.37 8.74 4.08
N ALA B 29 -16.70 10.04 4.03
CA ALA B 29 -16.93 10.72 2.76
C ALA B 29 -15.64 10.80 1.95
N LYS B 30 -14.57 11.29 2.57
CA LYS B 30 -13.27 11.41 1.91
C LYS B 30 -12.71 10.06 1.52
N ILE B 31 -12.92 9.06 2.38
CA ILE B 31 -12.45 7.71 2.12
C ILE B 31 -13.18 7.08 0.94
N LEU B 32 -14.51 7.15 0.97
CA LEU B 32 -15.33 6.60 -0.11
C LEU B 32 -15.04 7.31 -1.44
N GLU B 33 -14.79 8.62 -1.36
CA GLU B 33 -14.45 9.40 -2.53
C GLU B 33 -13.08 8.98 -3.07
N GLU B 34 -12.16 8.68 -2.17
CA GLU B 34 -10.83 8.21 -2.55
C GLU B 34 -10.91 6.88 -3.29
N MET B 35 -11.63 5.93 -2.69
CA MET B 35 -11.84 4.62 -3.30
C MET B 35 -12.50 4.77 -4.67
N GLY B 36 -13.48 5.67 -4.74
CA GLY B 36 -14.16 5.97 -5.99
C GLY B 36 -13.20 6.46 -7.04
N ARG B 37 -12.29 7.35 -6.64
CA ARG B 37 -11.30 7.91 -7.56
C ARG B 37 -10.36 6.84 -8.07
N ASP B 38 -9.89 5.97 -7.18
CA ASP B 38 -8.97 4.90 -7.55
C ASP B 38 -9.62 3.92 -8.51
N ILE B 39 -10.81 3.44 -8.14
CA ILE B 39 -11.55 2.49 -8.96
C ILE B 39 -11.85 3.11 -10.33
N ALA B 40 -12.19 4.39 -10.34
CA ALA B 40 -12.45 5.11 -11.58
C ALA B 40 -11.20 5.13 -12.45
N SER B 41 -10.05 5.38 -11.83
CA SER B 41 -8.78 5.39 -12.55
C SER B 41 -8.48 4.04 -13.19
N GLU B 42 -8.63 2.98 -12.41
CA GLU B 42 -8.44 1.62 -12.94
C GLU B 42 -9.39 1.29 -14.08
N ALA B 43 -10.65 1.66 -13.92
CA ALA B 43 -11.65 1.41 -14.95
C ALA B 43 -11.29 2.17 -16.24
N ILE B 44 -10.76 3.37 -16.07
CA ILE B 44 -10.32 4.17 -17.20
C ILE B 44 -9.14 3.50 -17.91
N LYS B 45 -8.19 3.01 -17.13
CA LYS B 45 -7.04 2.29 -17.70
C LYS B 45 -7.49 1.05 -18.46
N LEU B 46 -8.47 0.36 -17.90
CA LEU B 46 -9.03 -0.85 -18.52
C LEU B 46 -9.72 -0.54 -19.84
N ALA B 47 -10.58 0.48 -19.83
CA ALA B 47 -11.31 0.86 -21.04
C ALA B 47 -10.37 1.39 -22.10
N ARG B 48 -9.31 2.07 -21.67
CA ARG B 48 -8.32 2.60 -22.59
C ARG B 48 -7.49 1.46 -23.18
N HIS B 49 -7.33 0.40 -22.39
CA HIS B 49 -6.68 -0.81 -22.87
C HIS B 49 -7.58 -1.57 -23.84
N ALA B 50 -8.90 -1.36 -23.70
CA ALA B 50 -9.88 -2.05 -24.52
C ALA B 50 -10.17 -1.31 -25.83
N GLY B 51 -9.42 -0.26 -26.08
CA GLY B 51 -9.57 0.50 -27.33
C GLY B 51 -10.82 1.36 -27.38
N ARG B 52 -11.47 1.54 -26.24
CA ARG B 52 -12.69 2.33 -26.16
C ARG B 52 -12.44 3.64 -25.43
N LYS B 53 -13.29 4.63 -25.64
CA LYS B 53 -13.16 5.92 -24.97
C LYS B 53 -14.25 6.10 -23.93
N THR B 54 -15.34 5.35 -24.07
CA THR B 54 -16.45 5.44 -23.12
C THR B 54 -16.29 4.40 -22.00
N ILE B 55 -16.50 4.84 -20.77
CA ILE B 55 -16.42 3.95 -19.61
C ILE B 55 -17.72 3.19 -19.40
N LYS B 56 -17.66 1.88 -19.57
CA LYS B 56 -18.83 1.03 -19.38
C LYS B 56 -18.81 0.39 -17.99
N ALA B 57 -19.92 -0.24 -17.61
CA ALA B 57 -20.05 -0.89 -16.31
C ALA B 57 -19.07 -2.05 -16.17
N GLU B 58 -18.75 -2.67 -17.31
CA GLU B 58 -17.79 -3.77 -17.35
C GLU B 58 -16.43 -3.35 -16.82
N ASP B 59 -16.00 -2.16 -17.22
CA ASP B 59 -14.71 -1.62 -16.79
C ASP B 59 -14.68 -1.41 -15.28
N ILE B 60 -15.80 -0.92 -14.74
CA ILE B 60 -15.92 -0.72 -13.30
C ILE B 60 -15.88 -2.05 -12.55
N GLU B 61 -16.70 -2.99 -13.01
CA GLU B 61 -16.80 -4.30 -12.37
C GLU B 61 -15.48 -5.09 -12.44
N LEU B 62 -14.69 -4.86 -13.47
CA LEU B 62 -13.40 -5.53 -13.59
C LEU B 62 -12.32 -4.81 -12.77
N ALA B 63 -12.41 -3.49 -12.72
CA ALA B 63 -11.45 -2.69 -11.98
C ALA B 63 -11.61 -2.88 -10.48
N VAL B 64 -12.85 -3.16 -10.07
CA VAL B 64 -13.15 -3.33 -8.66
C VAL B 64 -12.67 -4.69 -8.15
N ARG B 65 -12.37 -5.62 -9.05
CA ARG B 65 -11.81 -6.89 -8.63
C ARG B 65 -10.31 -6.84 -8.44
N ARG B 66 -9.80 -5.63 -8.23
CA ARG B 66 -8.41 -5.42 -7.87
C ARG B 66 -8.36 -4.26 -6.87
N PHE B 67 -7.90 -4.53 -5.66
CA PHE B 67 -8.00 -3.55 -4.58
C PHE B 67 -7.14 -2.31 -4.85
N LYS B 68 -7.58 -1.13 -4.39
CA LYS B 68 -8.91 -0.90 -3.80
C LYS B 68 -10.05 -1.11 -4.81
N MET C 1 6.01 -27.67 -10.60
CA MET C 1 7.25 -26.91 -10.66
C MET C 1 7.77 -26.81 -12.08
N GLU C 2 7.25 -25.85 -12.83
CA GLU C 2 7.61 -25.69 -14.24
C GLU C 2 9.02 -25.12 -14.38
N LEU C 3 9.36 -24.18 -13.51
CA LEU C 3 10.65 -23.52 -13.55
C LEU C 3 11.77 -24.41 -13.02
N PRO C 4 12.93 -24.41 -13.70
CA PRO C 4 14.10 -25.15 -13.25
C PRO C 4 14.77 -24.49 -12.06
N ILE C 5 15.51 -25.26 -11.27
CA ILE C 5 16.10 -24.77 -10.04
C ILE C 5 17.46 -24.10 -10.27
N ALA C 6 18.28 -24.72 -11.11
CA ALA C 6 19.64 -24.25 -11.37
C ALA C 6 19.73 -22.79 -11.83
N PRO C 7 18.91 -22.38 -12.82
CA PRO C 7 19.03 -20.97 -13.22
C PRO C 7 18.69 -19.98 -12.10
N ILE C 8 17.71 -20.34 -11.28
CA ILE C 8 17.31 -19.50 -10.16
C ILE C 8 18.41 -19.44 -9.11
N GLY C 9 19.06 -20.59 -8.88
CA GLY C 9 20.23 -20.63 -8.02
C GLY C 9 21.32 -19.72 -8.54
N ARG C 10 21.47 -19.70 -9.86
CA ARG C 10 22.45 -18.82 -10.50
C ARG C 10 22.03 -17.36 -10.35
N ILE C 11 20.72 -17.12 -10.25
CA ILE C 11 20.22 -15.77 -10.01
C ILE C 11 20.62 -15.31 -8.62
N ILE C 12 20.38 -16.16 -7.62
CA ILE C 12 20.75 -15.85 -6.25
C ILE C 12 22.26 -15.66 -6.13
N LYS C 13 23.01 -16.46 -6.89
CA LYS C 13 24.47 -16.34 -6.92
C LYS C 13 24.89 -15.00 -7.53
N ASP C 14 24.20 -14.60 -8.60
CA ASP C 14 24.48 -13.34 -9.27
C ASP C 14 24.03 -12.14 -8.45
N ALA C 15 23.19 -12.40 -7.46
CA ALA C 15 22.72 -11.34 -6.57
C ALA C 15 23.80 -10.95 -5.57
N GLY C 16 24.71 -11.87 -5.29
CA GLY C 16 25.82 -11.60 -4.39
C GLY C 16 25.96 -12.59 -3.25
N ALA C 17 25.35 -13.76 -3.41
CA ALA C 17 25.36 -14.78 -2.36
C ALA C 17 26.56 -15.71 -2.48
N GLU C 18 27.35 -15.78 -1.41
CA GLU C 18 28.51 -16.66 -1.36
C GLU C 18 28.07 -18.12 -1.42
N ARG C 19 27.14 -18.49 -0.55
CA ARG C 19 26.60 -19.85 -0.51
C ARG C 19 25.08 -19.82 -0.49
N VAL C 20 24.46 -20.76 -1.21
CA VAL C 20 23.01 -20.80 -1.30
C VAL C 20 22.47 -22.18 -0.96
N SER C 21 21.54 -22.24 -0.01
CA SER C 21 20.89 -23.49 0.37
C SER C 21 19.93 -23.97 -0.71
N ASP C 22 19.76 -25.28 -0.82
CA ASP C 22 18.82 -25.84 -1.78
C ASP C 22 17.39 -25.48 -1.42
N ASP C 23 17.12 -25.41 -0.12
CA ASP C 23 15.80 -25.02 0.38
C ASP C 23 15.46 -23.61 -0.08
N ALA C 24 16.45 -22.74 -0.07
CA ALA C 24 16.28 -21.36 -0.54
C ALA C 24 15.97 -21.33 -2.03
N ARG C 25 16.68 -22.17 -2.78
CA ARG C 25 16.48 -22.26 -4.22
C ARG C 25 15.09 -22.75 -4.60
N ILE C 26 14.66 -23.85 -3.98
CA ILE C 26 13.33 -24.39 -4.27
C ILE C 26 12.24 -23.44 -3.78
N THR C 27 12.48 -22.78 -2.64
CA THR C 27 11.53 -21.82 -2.10
C THR C 27 11.34 -20.65 -3.07
N LEU C 28 12.45 -20.06 -3.49
CA LEU C 28 12.41 -18.94 -4.44
C LEU C 28 11.80 -19.39 -5.77
N ALA C 29 12.00 -20.66 -6.10
CA ALA C 29 11.41 -21.24 -7.31
C ALA C 29 9.89 -21.25 -7.22
N LYS C 30 9.38 -21.77 -6.12
CA LYS C 30 7.94 -21.85 -5.89
C LYS C 30 7.33 -20.45 -5.83
N ILE C 31 8.06 -19.51 -5.23
CA ILE C 31 7.61 -18.14 -5.11
C ILE C 31 7.51 -17.45 -6.47
N LEU C 32 8.59 -17.50 -7.23
CA LEU C 32 8.63 -16.90 -8.57
C LEU C 32 7.61 -17.54 -9.50
N GLU C 33 7.44 -18.86 -9.38
CA GLU C 33 6.47 -19.56 -10.20
C GLU C 33 5.04 -19.14 -9.83
N GLU C 34 4.82 -18.95 -8.53
CA GLU C 34 3.52 -18.51 -8.03
C GLU C 34 3.20 -17.12 -8.59
N MET C 35 4.16 -16.20 -8.45
CA MET C 35 4.03 -14.86 -8.98
C MET C 35 3.76 -14.87 -10.48
N GLY C 36 4.47 -15.74 -11.19
CA GLY C 36 4.29 -15.92 -12.61
C GLY C 36 2.88 -16.35 -12.96
N ARG C 37 2.35 -17.30 -12.20
CA ARG C 37 1.00 -17.80 -12.43
C ARG C 37 -0.04 -16.71 -12.19
N ASP C 38 0.14 -15.95 -11.11
CA ASP C 38 -0.79 -14.88 -10.78
C ASP C 38 -0.79 -13.79 -11.84
N ILE C 39 0.40 -13.31 -12.20
CA ILE C 39 0.52 -12.28 -13.22
C ILE C 39 -0.03 -12.75 -14.56
N ALA C 40 0.23 -14.00 -14.89
CA ALA C 40 -0.29 -14.60 -16.12
C ALA C 40 -1.81 -14.62 -16.11
N SER C 41 -2.39 -15.00 -14.97
CA SER C 41 -3.83 -15.05 -14.82
C SER C 41 -4.45 -13.67 -15.01
N GLU C 42 -3.87 -12.67 -14.35
CA GLU C 42 -4.34 -11.29 -14.48
C GLU C 42 -4.26 -10.81 -15.92
N ALA C 43 -3.13 -11.09 -16.57
CA ALA C 43 -2.95 -10.68 -17.97
C ALA C 43 -3.98 -11.36 -18.86
N ILE C 44 -4.31 -12.60 -18.53
CA ILE C 44 -5.33 -13.34 -19.26
C ILE C 44 -6.70 -12.68 -19.09
N LYS C 45 -7.03 -12.29 -17.87
CA LYS C 45 -8.29 -11.59 -17.63
C LYS C 45 -8.34 -10.26 -18.39
N LEU C 46 -7.22 -9.56 -18.43
CA LEU C 46 -7.13 -8.29 -19.17
C LEU C 46 -7.33 -8.49 -20.68
N ALA C 47 -6.62 -9.44 -21.27
CA ALA C 47 -6.74 -9.69 -22.70
C ALA C 47 -8.13 -10.21 -23.05
N ARG C 48 -8.72 -10.98 -22.14
CA ARG C 48 -10.06 -11.52 -22.31
C ARG C 48 -11.10 -10.40 -22.20
N HIS C 49 -10.75 -9.36 -21.45
CA HIS C 49 -11.59 -8.18 -21.36
C HIS C 49 -11.57 -7.45 -22.71
N ALA C 50 -10.48 -7.65 -23.45
CA ALA C 50 -10.34 -7.04 -24.76
C ALA C 50 -10.94 -7.96 -25.80
N GLY C 51 -10.84 -7.57 -27.07
CA GLY C 51 -11.36 -8.38 -28.16
C GLY C 51 -10.40 -9.45 -28.63
N ARG C 52 -9.36 -9.71 -27.85
CA ARG C 52 -8.35 -10.67 -28.23
C ARG C 52 -8.37 -11.94 -27.37
N LYS C 53 -7.83 -13.03 -27.93
CA LYS C 53 -7.70 -14.29 -27.22
C LYS C 53 -6.24 -14.58 -26.92
N THR C 54 -5.35 -13.93 -27.67
CA THR C 54 -3.92 -14.11 -27.53
C THR C 54 -3.33 -13.11 -26.53
N ILE C 55 -2.48 -13.61 -25.63
CA ILE C 55 -1.85 -12.77 -24.63
C ILE C 55 -0.63 -12.05 -25.18
N LYS C 56 -0.72 -10.72 -25.26
CA LYS C 56 0.37 -9.91 -25.76
C LYS C 56 1.17 -9.31 -24.60
N ALA C 57 2.31 -8.70 -24.92
CA ALA C 57 3.18 -8.11 -23.90
C ALA C 57 2.49 -6.97 -23.16
N GLU C 58 1.57 -6.30 -23.84
CA GLU C 58 0.80 -5.20 -23.26
C GLU C 58 0.00 -5.68 -22.05
N ASP C 59 -0.62 -6.85 -22.20
CA ASP C 59 -1.41 -7.45 -21.14
C ASP C 59 -0.55 -7.79 -19.93
N ILE C 60 0.66 -8.28 -20.20
CA ILE C 60 1.60 -8.62 -19.15
C ILE C 60 2.05 -7.37 -18.39
N GLU C 61 2.46 -6.34 -19.13
CA GLU C 61 2.92 -5.09 -18.52
C GLU C 61 1.80 -4.38 -17.74
N LEU C 62 0.56 -4.56 -18.19
CA LEU C 62 -0.56 -3.92 -17.53
C LEU C 62 -0.96 -4.71 -16.28
N ALA C 63 -0.82 -6.04 -16.34
CA ALA C 63 -1.13 -6.85 -15.18
C ALA C 63 -0.06 -6.65 -14.11
N VAL C 64 1.17 -6.43 -14.55
CA VAL C 64 2.28 -6.18 -13.64
C VAL C 64 2.21 -4.74 -13.15
N ARG C 65 1.42 -3.92 -13.84
CA ARG C 65 1.19 -2.55 -13.41
C ARG C 65 0.09 -2.47 -12.34
N ARG C 66 -0.31 -3.63 -11.83
CA ARG C 66 -1.28 -3.69 -10.74
C ARG C 66 -0.84 -4.74 -9.71
N PHE C 67 0.43 -5.18 -9.84
CA PHE C 67 1.08 -6.04 -8.86
C PHE C 67 0.58 -7.48 -8.96
N LYS C 68 1.44 -8.42 -8.57
CA LYS C 68 1.13 -9.85 -8.68
C LYS C 68 -0.14 -10.23 -7.90
N MET D 1 20.10 -13.24 -19.32
CA MET D 1 18.86 -13.99 -19.41
C MET D 1 19.01 -15.37 -18.76
N GLU D 2 18.89 -15.42 -17.44
CA GLU D 2 19.07 -16.66 -16.71
C GLU D 2 17.89 -17.61 -16.88
N LEU D 3 16.68 -17.06 -16.87
CA LEU D 3 15.47 -17.86 -16.97
C LEU D 3 15.17 -18.31 -18.40
N PRO D 4 14.78 -19.58 -18.56
CA PRO D 4 14.35 -20.11 -19.86
C PRO D 4 12.96 -19.60 -20.22
N ILE D 5 12.65 -19.57 -21.52
CA ILE D 5 11.39 -19.01 -21.99
C ILE D 5 10.26 -20.04 -21.99
N ALA D 6 10.57 -21.25 -22.47
CA ALA D 6 9.58 -22.31 -22.62
C ALA D 6 8.81 -22.65 -21.33
N PRO D 7 9.50 -22.84 -20.19
CA PRO D 7 8.72 -23.18 -18.99
C PRO D 7 7.76 -22.07 -18.59
N ILE D 8 8.17 -20.82 -18.78
CA ILE D 8 7.32 -19.68 -18.45
C ILE D 8 6.13 -19.62 -19.41
N GLY D 9 6.37 -19.93 -20.67
CA GLY D 9 5.29 -20.05 -21.64
C GLY D 9 4.30 -21.13 -21.22
N ARG D 10 4.83 -22.22 -20.68
CA ARG D 10 3.99 -23.31 -20.16
C ARG D 10 3.23 -22.86 -18.93
N ILE D 11 3.79 -21.91 -18.18
CA ILE D 11 3.12 -21.34 -17.02
C ILE D 11 1.91 -20.52 -17.49
N ILE D 12 2.14 -19.66 -18.49
CA ILE D 12 1.07 -18.86 -19.05
C ILE D 12 -0.02 -19.75 -19.66
N LYS D 13 0.41 -20.86 -20.27
CA LYS D 13 -0.52 -21.84 -20.82
C LYS D 13 -1.35 -22.49 -19.71
N ASP D 14 -0.69 -22.80 -18.60
CA ASP D 14 -1.36 -23.42 -17.46
C ASP D 14 -2.26 -22.42 -16.74
N ALA D 15 -2.06 -21.14 -17.03
CA ALA D 15 -2.90 -20.09 -16.43
C ALA D 15 -4.25 -20.02 -17.12
N GLY D 16 -4.31 -20.45 -18.38
CA GLY D 16 -5.55 -20.49 -19.12
C GLY D 16 -5.54 -19.78 -20.46
N ALA D 17 -4.33 -19.55 -20.99
CA ALA D 17 -4.18 -18.83 -22.25
C ALA D 17 -4.22 -19.76 -23.45
N GLU D 18 -5.15 -19.50 -24.37
CA GLU D 18 -5.28 -20.27 -25.59
C GLU D 18 -4.04 -20.10 -26.48
N ARG D 19 -3.68 -18.85 -26.74
CA ARG D 19 -2.51 -18.53 -27.55
C ARG D 19 -1.66 -17.48 -26.84
N VAL D 20 -0.34 -17.63 -26.92
CA VAL D 20 0.57 -16.73 -26.23
C VAL D 20 1.63 -16.15 -27.15
N SER D 21 1.74 -14.83 -27.16
CA SER D 21 2.76 -14.15 -27.95
C SER D 21 4.15 -14.33 -27.32
N ASP D 22 5.18 -14.34 -28.16
CA ASP D 22 6.54 -14.48 -27.69
C ASP D 22 6.97 -13.27 -26.86
N ASP D 23 6.48 -12.10 -27.24
CA ASP D 23 6.76 -10.87 -26.52
C ASP D 23 6.26 -10.95 -25.08
N ALA D 24 5.10 -11.56 -24.89
CA ALA D 24 4.53 -11.75 -23.55
C ALA D 24 5.42 -12.69 -22.73
N ARG D 25 5.90 -13.74 -23.37
CA ARG D 25 6.78 -14.71 -22.70
C ARG D 25 8.09 -14.08 -22.26
N ILE D 26 8.73 -13.34 -23.17
CA ILE D 26 10.00 -12.68 -22.86
C ILE D 26 9.80 -11.60 -21.79
N THR D 27 8.69 -10.88 -21.88
CA THR D 27 8.37 -9.85 -20.91
C THR D 27 8.20 -10.44 -19.51
N LEU D 28 7.38 -11.48 -19.41
CA LEU D 28 7.15 -12.15 -18.14
C LEU D 28 8.43 -12.77 -17.61
N ALA D 29 9.31 -13.18 -18.54
CA ALA D 29 10.61 -13.72 -18.18
C ALA D 29 11.46 -12.66 -17.50
N LYS D 30 11.55 -11.49 -18.13
CA LYS D 30 12.33 -10.38 -17.60
C LYS D 30 11.76 -9.90 -16.26
N ILE D 31 10.44 -9.92 -16.15
CA ILE D 31 9.78 -9.51 -14.91
C ILE D 31 10.07 -10.48 -13.76
N LEU D 32 9.86 -11.76 -14.01
CA LEU D 32 10.12 -12.79 -12.99
C LEU D 32 11.59 -12.81 -12.60
N GLU D 33 12.47 -12.59 -13.57
CA GLU D 33 13.90 -12.55 -13.30
C GLU D 33 14.26 -11.33 -12.45
N GLU D 34 13.60 -10.21 -12.75
CA GLU D 34 13.81 -8.99 -11.98
C GLU D 34 13.38 -9.17 -10.53
N MET D 35 12.16 -9.67 -10.33
CA MET D 35 11.65 -9.95 -8.99
C MET D 35 12.56 -10.92 -8.26
N GLY D 36 13.04 -11.93 -8.98
CA GLY D 36 13.97 -12.90 -8.42
C GLY D 36 15.23 -12.24 -7.92
N ARG D 37 15.78 -11.32 -8.72
CA ARG D 37 16.99 -10.61 -8.34
C ARG D 37 16.77 -9.74 -7.11
N ASP D 38 15.64 -9.02 -7.08
CA ASP D 38 15.32 -8.15 -5.95
C ASP D 38 15.15 -8.94 -4.65
N ILE D 39 14.32 -9.98 -4.71
CA ILE D 39 14.09 -10.84 -3.54
C ILE D 39 15.38 -11.48 -3.07
N ALA D 40 16.20 -11.92 -4.02
CA ALA D 40 17.49 -12.52 -3.69
C ALA D 40 18.38 -11.52 -2.97
N SER D 41 18.40 -10.28 -3.47
CA SER D 41 19.21 -9.23 -2.85
C SER D 41 18.75 -8.95 -1.43
N GLU D 42 17.44 -8.82 -1.25
CA GLU D 42 16.87 -8.58 0.07
C GLU D 42 17.21 -9.72 1.03
N ALA D 43 17.09 -10.95 0.56
CA ALA D 43 17.42 -12.13 1.36
C ALA D 43 18.90 -12.15 1.73
N ILE D 44 19.74 -11.69 0.81
CA ILE D 44 21.17 -11.61 1.06
C ILE D 44 21.46 -10.60 2.15
N LYS D 45 20.81 -9.44 2.09
CA LYS D 45 20.95 -8.43 3.13
C LYS D 45 20.45 -8.96 4.46
N LEU D 46 19.39 -9.76 4.42
CA LEU D 46 18.83 -10.36 5.63
C LEU D 46 19.79 -11.33 6.29
N ALA D 47 20.35 -12.25 5.51
CA ALA D 47 21.29 -13.25 6.03
C ALA D 47 22.58 -12.57 6.49
N ARG D 48 22.95 -11.51 5.79
CA ARG D 48 24.15 -10.74 6.12
C ARG D 48 23.94 -9.97 7.42
N HIS D 49 22.69 -9.63 7.71
CA HIS D 49 22.34 -9.01 8.98
C HIS D 49 22.51 -10.02 10.10
N ALA D 50 22.38 -11.30 9.75
CA ALA D 50 22.53 -12.37 10.71
C ALA D 50 23.99 -12.78 10.80
N GLY D 51 24.27 -13.85 11.55
CA GLY D 51 25.63 -14.35 11.69
C GLY D 51 26.00 -15.37 10.64
N ARG D 52 25.17 -15.46 9.59
CA ARG D 52 25.40 -16.44 8.53
C ARG D 52 25.82 -15.82 7.21
N LYS D 53 26.48 -16.62 6.38
CA LYS D 53 26.90 -16.20 5.05
C LYS D 53 26.09 -16.93 3.98
N THR D 54 25.50 -18.05 4.37
CA THR D 54 24.70 -18.86 3.46
C THR D 54 23.24 -18.45 3.49
N ILE D 55 22.64 -18.33 2.29
CA ILE D 55 21.24 -17.95 2.17
C ILE D 55 20.33 -19.14 2.40
N LYS D 56 19.56 -19.10 3.47
CA LYS D 56 18.63 -20.18 3.80
C LYS D 56 17.21 -19.81 3.37
N ALA D 57 16.31 -20.78 3.44
CA ALA D 57 14.93 -20.59 3.02
C ALA D 57 14.24 -19.53 3.89
N GLU D 58 14.67 -19.43 5.14
CA GLU D 58 14.14 -18.44 6.07
C GLU D 58 14.36 -17.02 5.54
N ASP D 59 15.56 -16.79 5.03
CA ASP D 59 15.92 -15.49 4.47
C ASP D 59 15.06 -15.14 3.27
N ILE D 60 14.79 -16.13 2.43
CA ILE D 60 13.95 -15.94 1.25
C ILE D 60 12.51 -15.62 1.67
N GLU D 61 11.96 -16.44 2.56
CA GLU D 61 10.59 -16.26 3.02
C GLU D 61 10.39 -14.94 3.76
N LEU D 62 11.44 -14.45 4.39
CA LEU D 62 11.36 -13.17 5.10
C LEU D 62 11.53 -12.00 4.14
N ALA D 63 12.37 -12.19 3.12
CA ALA D 63 12.64 -11.16 2.12
C ALA D 63 11.44 -10.96 1.20
N VAL D 64 10.67 -12.03 1.01
CA VAL D 64 9.51 -11.98 0.13
C VAL D 64 8.36 -11.24 0.81
N ARG D 65 8.46 -11.04 2.12
CA ARG D 65 7.46 -10.27 2.85
C ARG D 65 7.77 -8.77 2.75
N ARG D 66 8.32 -8.38 1.60
CA ARG D 66 8.60 -6.98 1.34
C ARG D 66 8.32 -6.64 -0.11
N PHE D 67 7.67 -7.57 -0.80
CA PHE D 67 6.82 -7.29 -1.96
C PHE D 67 7.68 -6.97 -3.18
N MET E 1 17.64 17.85 17.77
CA MET E 1 16.81 16.74 18.21
C MET E 1 15.60 17.25 19.01
N GLU E 2 14.56 17.65 18.28
CA GLU E 2 13.37 18.23 18.90
C GLU E 2 12.52 17.17 19.60
N LEU E 3 12.43 15.99 19.00
CA LEU E 3 11.61 14.92 19.54
C LEU E 3 12.23 14.26 20.76
N PRO E 4 11.42 13.98 21.79
CA PRO E 4 11.88 13.28 22.99
C PRO E 4 12.10 11.79 22.73
N ILE E 5 12.94 11.18 23.55
CA ILE E 5 13.33 9.78 23.35
C ILE E 5 12.34 8.81 23.99
N ALA E 6 11.90 9.14 25.21
CA ALA E 6 11.03 8.27 25.99
C ALA E 6 9.73 7.84 25.28
N PRO E 7 8.99 8.78 24.66
CA PRO E 7 7.75 8.32 24.01
C PRO E 7 8.01 7.35 22.86
N ILE E 8 9.10 7.58 22.13
CA ILE E 8 9.47 6.72 21.02
C ILE E 8 9.89 5.34 21.53
N GLY E 9 10.61 5.33 22.65
CA GLY E 9 10.96 4.08 23.31
C GLY E 9 9.71 3.32 23.73
N ARG E 10 8.70 4.06 24.18
CA ARG E 10 7.43 3.47 24.55
C ARG E 10 6.70 2.93 23.32
N ILE E 11 6.94 3.56 22.17
CA ILE E 11 6.36 3.08 20.91
C ILE E 11 6.99 1.75 20.52
N ILE E 12 8.32 1.69 20.54
CA ILE E 12 9.04 0.46 20.23
C ILE E 12 8.66 -0.66 21.20
N LYS E 13 8.46 -0.29 22.46
CA LYS E 13 8.04 -1.24 23.47
C LYS E 13 6.63 -1.76 23.18
N ASP E 14 5.75 -0.85 22.76
CA ASP E 14 4.37 -1.21 22.42
C ASP E 14 4.31 -2.01 21.13
N ALA E 15 5.39 -1.98 20.36
CA ALA E 15 5.45 -2.73 19.10
C ALA E 15 5.68 -4.22 19.35
N GLY E 16 6.27 -4.56 20.49
CA GLY E 16 6.49 -5.95 20.86
C GLY E 16 7.92 -6.27 21.23
N ALA E 17 8.70 -5.23 21.54
CA ALA E 17 10.11 -5.41 21.86
C ALA E 17 10.33 -5.65 23.36
N GLU E 18 10.97 -6.77 23.68
CA GLU E 18 11.30 -7.09 25.07
C GLU E 18 12.30 -6.09 25.62
N ARG E 19 13.39 -5.89 24.87
CA ARG E 19 14.42 -4.93 25.27
C ARG E 19 14.79 -4.02 24.09
N VAL E 20 15.02 -2.74 24.38
CA VAL E 20 15.32 -1.77 23.34
C VAL E 20 16.60 -1.01 23.67
N SER E 21 17.54 -1.00 22.74
CA SER E 21 18.78 -0.25 22.92
C SER E 21 18.52 1.24 22.82
N ASP E 22 19.31 2.03 23.54
CA ASP E 22 19.20 3.49 23.50
C ASP E 22 19.56 4.02 22.12
N ASP E 23 20.54 3.37 21.50
CA ASP E 23 20.97 3.74 20.15
C ASP E 23 19.82 3.58 19.15
N ALA E 24 19.02 2.54 19.33
CA ALA E 24 17.86 2.31 18.49
C ALA E 24 16.82 3.40 18.68
N ARG E 25 16.63 3.80 19.92
CA ARG E 25 15.68 4.86 20.26
C ARG E 25 16.09 6.19 19.64
N ILE E 26 17.36 6.56 19.81
CA ILE E 26 17.87 7.81 19.26
C ILE E 26 17.83 7.77 17.73
N THR E 27 18.14 6.61 17.16
CA THR E 27 18.11 6.43 15.71
C THR E 27 16.71 6.67 15.16
N LEU E 28 15.73 5.98 15.76
CA LEU E 28 14.34 6.13 15.35
C LEU E 28 13.85 7.56 15.58
N ALA E 29 14.42 8.21 16.60
CA ALA E 29 14.10 9.60 16.88
C ALA E 29 14.55 10.51 15.74
N LYS E 30 15.82 10.35 15.35
CA LYS E 30 16.39 11.15 14.26
C LYS E 30 15.66 10.86 12.94
N ILE E 31 15.26 9.61 12.74
CA ILE E 31 14.56 9.23 11.52
C ILE E 31 13.17 9.88 11.46
N LEU E 32 12.40 9.73 12.54
CA LEU E 32 11.07 10.33 12.60
C LEU E 32 11.12 11.85 12.50
N GLU E 33 12.15 12.45 13.10
CA GLU E 33 12.33 13.90 13.04
C GLU E 33 12.67 14.32 11.61
N GLU E 34 13.49 13.52 10.93
CA GLU E 34 13.86 13.78 9.55
C GLU E 34 12.64 13.74 8.64
N MET E 35 11.87 12.67 8.75
CA MET E 35 10.63 12.52 7.99
C MET E 35 9.69 13.69 8.28
N GLY E 36 9.64 14.08 9.55
CA GLY E 36 8.84 15.21 9.96
C GLY E 36 9.25 16.50 9.26
N ARG E 37 10.55 16.74 9.19
CA ARG E 37 11.08 17.94 8.53
C ARG E 37 10.77 17.94 7.03
N ASP E 38 10.98 16.79 6.38
CA ASP E 38 10.73 16.69 4.94
C ASP E 38 9.26 16.90 4.61
N ILE E 39 8.39 16.17 5.32
CA ILE E 39 6.95 16.28 5.13
C ILE E 39 6.46 17.71 5.42
N ALA E 40 7.01 18.31 6.47
CA ALA E 40 6.66 19.69 6.82
C ALA E 40 7.05 20.65 5.70
N SER E 41 8.24 20.46 5.15
CA SER E 41 8.71 21.30 4.05
C SER E 41 7.78 21.18 2.84
N GLU E 42 7.46 19.93 2.48
CA GLU E 42 6.56 19.67 1.35
C GLU E 42 5.19 20.31 1.56
N ALA E 43 4.66 20.18 2.77
CA ALA E 43 3.38 20.76 3.12
C ALA E 43 3.42 22.28 3.05
N ILE E 44 4.55 22.86 3.44
CA ILE E 44 4.75 24.30 3.37
C ILE E 44 4.75 24.79 1.92
N LYS E 45 5.47 24.07 1.06
CA LYS E 45 5.48 24.40 -0.36
C LYS E 45 4.09 24.29 -0.96
N LEU E 46 3.36 23.27 -0.51
CA LEU E 46 1.99 23.03 -0.97
C LEU E 46 1.06 24.18 -0.58
N ALA E 47 1.09 24.56 0.69
CA ALA E 47 0.25 25.64 1.18
C ALA E 47 0.63 26.97 0.55
N ARG E 48 1.92 27.13 0.28
CA ARG E 48 2.43 28.35 -0.34
C ARG E 48 1.95 28.43 -1.79
N HIS E 49 1.77 27.27 -2.40
CA HIS E 49 1.18 27.19 -3.73
C HIS E 49 -0.34 27.49 -3.75
N ALA E 50 -1.00 27.23 -2.63
CA ALA E 50 -2.46 27.36 -2.56
C ALA E 50 -2.97 28.76 -2.23
N GLY E 51 -2.04 29.68 -1.96
CA GLY E 51 -2.40 31.06 -1.67
C GLY E 51 -2.68 31.32 -0.21
N ARG E 52 -2.34 30.35 0.63
CA ARG E 52 -2.50 30.48 2.07
C ARG E 52 -1.11 30.54 2.69
N LYS E 53 -1.01 31.08 3.90
CA LYS E 53 0.27 31.15 4.60
C LYS E 53 0.29 30.18 5.77
N THR E 54 -0.89 29.77 6.24
CA THR E 54 -1.01 28.86 7.37
C THR E 54 -1.06 27.41 6.90
N ILE E 55 -0.30 26.55 7.56
CA ILE E 55 -0.26 25.13 7.24
C ILE E 55 -1.41 24.37 7.88
N LYS E 56 -2.33 23.86 7.06
CA LYS E 56 -3.44 23.08 7.55
C LYS E 56 -3.19 21.59 7.40
N ALA E 57 -4.07 20.78 7.99
CA ALA E 57 -3.93 19.33 7.95
C ALA E 57 -3.98 18.79 6.53
N GLU E 58 -4.72 19.50 5.67
CA GLU E 58 -4.84 19.12 4.26
C GLU E 58 -3.47 19.10 3.58
N ASP E 59 -2.67 20.11 3.89
CA ASP E 59 -1.32 20.22 3.31
C ASP E 59 -0.45 19.05 3.75
N ILE E 60 -0.58 18.64 5.00
CA ILE E 60 0.17 17.50 5.52
C ILE E 60 -0.27 16.22 4.83
N GLU E 61 -1.58 16.00 4.78
CA GLU E 61 -2.16 14.80 4.18
C GLU E 61 -1.84 14.69 2.70
N LEU E 62 -1.63 15.83 2.05
CA LEU E 62 -1.25 15.84 0.64
C LEU E 62 0.25 15.65 0.48
N ALA E 63 1.02 16.16 1.44
CA ALA E 63 2.47 16.06 1.41
C ALA E 63 2.96 14.64 1.69
N VAL E 64 2.20 13.89 2.49
CA VAL E 64 2.59 12.53 2.82
C VAL E 64 2.34 11.58 1.66
N ARG E 65 1.55 12.04 0.69
CA ARG E 65 1.34 11.26 -0.53
C ARG E 65 2.47 11.50 -1.53
N ARG E 66 3.67 11.67 -0.99
CA ARG E 66 4.88 11.77 -1.79
C ARG E 66 5.97 10.94 -1.14
N PHE E 67 5.82 10.73 0.17
CA PHE E 67 6.63 9.81 0.95
C PHE E 67 8.03 10.39 1.20
N MET F 1 -1.71 7.91 21.18
CA MET F 1 -0.91 9.06 20.75
C MET F 1 0.24 9.29 21.73
N GLU F 2 1.33 8.56 21.53
CA GLU F 2 2.48 8.62 22.42
C GLU F 2 3.30 9.89 22.24
N LEU F 3 3.43 10.34 21.00
CA LEU F 3 4.24 11.51 20.69
C LEU F 3 3.54 12.81 21.08
N PRO F 4 4.30 13.75 21.66
CA PRO F 4 3.78 15.08 22.02
C PRO F 4 3.58 15.97 20.80
N ILE F 5 2.70 16.96 20.92
CA ILE F 5 2.33 17.81 19.81
C ILE F 5 3.28 19.01 19.65
N ALA F 6 3.63 19.63 20.76
CA ALA F 6 4.45 20.84 20.76
C ALA F 6 5.80 20.70 20.03
N PRO F 7 6.57 19.62 20.29
CA PRO F 7 7.85 19.54 19.58
C PRO F 7 7.68 19.41 18.07
N ILE F 8 6.64 18.71 17.64
CA ILE F 8 6.35 18.54 16.22
C ILE F 8 5.92 19.88 15.62
N GLY F 9 5.16 20.64 16.38
CA GLY F 9 4.80 22.00 15.99
C GLY F 9 6.04 22.84 15.81
N ARG F 10 7.02 22.64 16.69
CA ARG F 10 8.29 23.33 16.61
C ARG F 10 9.08 22.89 15.38
N ILE F 11 8.87 21.63 14.97
CA ILE F 11 9.49 21.12 13.76
C ILE F 11 8.92 21.82 12.53
N ILE F 12 7.59 21.90 12.46
CA ILE F 12 6.91 22.57 11.37
C ILE F 12 7.30 24.05 11.33
N LYS F 13 7.47 24.64 12.51
CA LYS F 13 7.89 26.04 12.62
C LYS F 13 9.32 26.21 12.09
N ASP F 14 10.19 25.26 12.43
CA ASP F 14 11.57 25.29 11.97
C ASP F 14 11.68 24.98 10.48
N ALA F 15 10.62 24.42 9.92
CA ALA F 15 10.59 24.10 8.50
C ALA F 15 10.36 25.35 7.64
N GLY F 16 9.74 26.36 8.24
CA GLY F 16 9.52 27.62 7.55
C GLY F 16 8.07 28.09 7.56
N ALA F 17 7.27 27.54 8.47
CA ALA F 17 5.86 27.87 8.53
C ALA F 17 5.60 29.06 9.44
N GLU F 18 4.99 30.11 8.89
CA GLU F 18 4.64 31.28 9.67
C GLU F 18 3.58 30.94 10.71
N ARG F 19 2.50 30.31 10.26
CA ARG F 19 1.42 29.89 11.14
C ARG F 19 1.06 28.42 10.87
N VAL F 20 0.77 27.69 11.94
CA VAL F 20 0.47 26.26 11.83
C VAL F 20 -0.84 25.90 12.50
N SER F 21 -1.73 25.24 11.76
CA SER F 21 -3.00 24.80 12.33
C SER F 21 -2.77 23.62 13.29
N ASP F 22 -3.63 23.52 14.29
CA ASP F 22 -3.54 22.44 15.27
C ASP F 22 -3.82 21.10 14.61
N ASP F 23 -4.73 21.10 13.65
CA ASP F 23 -5.07 19.90 12.90
C ASP F 23 -3.85 19.35 12.16
N ALA F 24 -3.04 20.24 11.62
CA ALA F 24 -1.82 19.86 10.93
C ALA F 24 -0.83 19.22 11.90
N ARG F 25 -0.73 19.80 13.09
CA ARG F 25 0.17 19.28 14.13
C ARG F 25 -0.24 17.89 14.57
N ILE F 26 -1.53 17.72 14.88
CA ILE F 26 -2.05 16.42 15.32
C ILE F 26 -1.95 15.39 14.20
N THR F 27 -2.21 15.82 12.97
CA THR F 27 -2.11 14.93 11.81
C THR F 27 -0.69 14.42 11.63
N LEU F 28 0.27 15.34 11.62
CA LEU F 28 1.68 14.97 11.48
C LEU F 28 2.14 14.12 12.66
N ALA F 29 1.53 14.35 13.82
CA ALA F 29 1.83 13.56 15.01
C ALA F 29 1.41 12.10 14.83
N LYS F 30 0.15 11.90 14.44
CA LYS F 30 -0.38 10.55 14.23
C LYS F 30 0.33 9.84 13.08
N ILE F 31 0.68 10.58 12.04
CA ILE F 31 1.39 10.01 10.89
C ILE F 31 2.80 9.57 11.28
N LEU F 32 3.54 10.47 11.92
CA LEU F 32 4.90 10.16 12.36
C LEU F 32 4.90 9.00 13.35
N GLU F 33 3.88 8.96 14.21
CA GLU F 33 3.74 7.88 15.17
C GLU F 33 3.44 6.56 14.46
N GLU F 34 2.64 6.63 13.41
CA GLU F 34 2.32 5.46 12.61
C GLU F 34 3.58 4.89 11.96
N MET F 35 4.34 5.76 11.31
CA MET F 35 5.61 5.39 10.70
C MET F 35 6.54 4.78 11.73
N GLY F 36 6.57 5.38 12.92
CA GLY F 36 7.37 4.87 14.02
C GLY F 36 6.98 3.46 14.41
N ARG F 37 5.68 3.21 14.50
CA ARG F 37 5.17 1.89 14.85
C ARG F 37 5.53 0.85 13.80
N ASP F 38 5.37 1.20 12.53
CA ASP F 38 5.69 0.29 11.44
C ASP F 38 7.17 -0.07 11.42
N ILE F 39 8.02 0.96 11.46
CA ILE F 39 9.46 0.78 11.47
C ILE F 39 9.88 -0.05 12.67
N ALA F 40 9.25 0.21 13.81
CA ALA F 40 9.53 -0.56 15.03
C ALA F 40 9.19 -2.03 14.85
N SER F 41 8.04 -2.30 14.22
CA SER F 41 7.61 -3.67 13.95
C SER F 41 8.61 -4.39 13.04
N GLU F 42 9.00 -3.73 11.96
CA GLU F 42 9.98 -4.30 11.03
C GLU F 42 11.31 -4.59 11.73
N ALA F 43 11.76 -3.64 12.55
CA ALA F 43 13.00 -3.79 13.30
C ALA F 43 12.92 -4.96 14.27
N ILE F 44 11.75 -5.16 14.86
CA ILE F 44 11.51 -6.27 15.76
C ILE F 44 11.61 -7.59 15.00
N LYS F 45 11.01 -7.64 13.81
CA LYS F 45 11.10 -8.82 12.96
C LYS F 45 12.55 -9.11 12.59
N LEU F 46 13.30 -8.04 12.34
CA LEU F 46 14.71 -8.15 11.99
C LEU F 46 15.55 -8.73 13.12
N ALA F 47 15.39 -8.16 14.31
CA ALA F 47 16.14 -8.61 15.48
C ALA F 47 15.77 -10.02 15.88
N ARG F 48 14.49 -10.35 15.70
CA ARG F 48 14.00 -11.69 16.02
C ARG F 48 14.55 -12.69 15.01
N HIS F 49 14.76 -12.22 13.78
CA HIS F 49 15.40 -13.03 12.75
C HIS F 49 16.90 -13.18 13.04
N ALA F 50 17.46 -12.22 13.77
CA ALA F 50 18.88 -12.23 14.07
C ALA F 50 19.22 -13.02 15.32
N GLY F 51 18.21 -13.63 15.93
CA GLY F 51 18.42 -14.46 17.10
C GLY F 51 18.63 -13.67 18.38
N ARG F 52 18.33 -12.37 18.34
CA ARG F 52 18.50 -11.52 19.50
C ARG F 52 17.14 -11.07 20.03
N LYS F 53 17.11 -10.65 21.30
CA LYS F 53 15.87 -10.19 21.91
C LYS F 53 15.87 -8.67 22.09
N THR F 54 17.06 -8.08 22.08
CA THR F 54 17.19 -6.64 22.23
C THR F 54 17.22 -5.95 20.87
N ILE F 55 16.45 -4.87 20.72
CA ILE F 55 16.42 -4.11 19.48
C ILE F 55 17.59 -3.13 19.43
N LYS F 56 18.51 -3.35 18.50
CA LYS F 56 19.67 -2.48 18.37
C LYS F 56 19.45 -1.48 17.23
N ALA F 57 20.33 -0.49 17.12
CA ALA F 57 20.23 0.55 16.11
C ALA F 57 20.33 -0.03 14.71
N GLU F 58 21.06 -1.13 14.57
CA GLU F 58 21.22 -1.81 13.29
C GLU F 58 19.85 -2.23 12.75
N ASP F 59 19.03 -2.77 13.64
CA ASP F 59 17.69 -3.24 13.29
C ASP F 59 16.82 -2.10 12.80
N ILE F 60 16.92 -0.95 13.45
CA ILE F 60 16.17 0.23 13.04
C ILE F 60 16.63 0.74 11.67
N GLU F 61 17.94 0.91 11.52
CA GLU F 61 18.52 1.42 10.29
C GLU F 61 18.26 0.50 9.09
N LEU F 62 18.13 -0.79 9.36
CA LEU F 62 17.83 -1.74 8.30
C LEU F 62 16.32 -1.80 8.02
N ALA F 63 15.53 -1.61 9.07
CA ALA F 63 14.07 -1.64 8.96
C ALA F 63 13.55 -0.41 8.22
N VAL F 64 14.26 0.70 8.33
CA VAL F 64 13.83 1.94 7.69
C VAL F 64 14.06 1.85 6.17
N ARG F 65 14.86 0.87 5.76
CA ARG F 65 15.06 0.60 4.34
C ARG F 65 13.93 -0.31 3.87
N ARG F 66 12.88 0.31 3.33
CA ARG F 66 11.75 -0.43 2.75
C ARG F 66 11.21 0.07 1.39
N PHE F 67 11.04 1.38 1.16
CA PHE F 67 11.35 2.48 2.06
C PHE F 67 10.20 3.49 2.13
AS CAC I . -31.20 4.25 13.74
O1 CAC I . -30.74 3.27 14.99
O2 CAC I . -29.81 5.09 13.11
C1 CAC I . -32.00 3.20 12.35
C2 CAC I . -32.49 5.53 14.39
AS CAC J . -4.72 -24.26 -22.98
O1 CAC J . -5.26 -22.73 -22.66
O2 CAC J . -3.55 -24.73 -21.75
C1 CAC J . -6.20 -25.49 -22.95
C2 CAC J . -3.88 -24.31 -24.70
AS CAC K . 9.15 31.16 11.61
O1 CAC K . 7.91 31.17 10.50
O2 CAC K . 8.76 30.04 12.90
C1 CAC K . 10.77 30.60 10.73
C2 CAC K . 9.38 32.93 12.32
#